data_2CBZ
#
_entry.id   2CBZ
#
_cell.length_a   65.560
_cell.length_b   65.560
_cell.length_c   64.612
_cell.angle_alpha   90.00
_cell.angle_beta   90.00
_cell.angle_gamma   120.00
#
_symmetry.space_group_name_H-M   'P 31'
#
loop_
_entity.id
_entity.type
_entity.pdbx_description
1 polymer 'MULTIDRUG RESISTANCE-ASSOCIATED PROTEIN 1'
2 non-polymer 'MAGNESIUM ION'
3 non-polymer "ADENOSINE-5'-TRIPHOSPHATE"
4 water water
#
_entity_poly.entity_id   1
_entity_poly.type   'polypeptide(L)'
_entity_poly.pdbx_seq_one_letter_code
;MNSITVRNATFTWARSDPPTLNGITFSIPEGALVAVVGQVGCGKSSLLSALLAEMDKVEGHVAIKGSVAYVPQQAWIQND
SLRENILFGCQLEEPYYRSVIQACALLPDLEILPSGDRTEIGEKGVNLSGGQKQRVSLARAVYSNADIYLFDDPLSAVDA
HVGKHIFENVIGPKGMLKNKTRILVTHSMSYLPQVDVIIVMSGGKISEMGSYQELLARDGAFAEFLRTYASHHHHHH
;
_entity_poly.pdbx_strand_id   A
#
loop_
_chem_comp.id
_chem_comp.type
_chem_comp.name
_chem_comp.formula
ATP non-polymer ADENOSINE-5'-TRIPHOSPHATE 'C10 H16 N5 O13 P3'
MG non-polymer 'MAGNESIUM ION' 'Mg 2'
#
# COMPACT_ATOMS: atom_id res chain seq x y z
N ASN A 2 -6.20 3.45 -18.61
CA ASN A 2 -6.38 2.96 -17.20
C ASN A 2 -5.55 1.72 -16.93
N SER A 3 -4.81 1.75 -15.83
CA SER A 3 -4.01 0.60 -15.41
C SER A 3 -4.85 -0.43 -14.67
N ILE A 4 -5.95 0.03 -14.06
CA ILE A 4 -6.87 -0.84 -13.35
C ILE A 4 -8.30 -0.49 -13.75
N THR A 5 -9.05 -1.51 -14.20
CA THR A 5 -10.46 -1.35 -14.53
C THR A 5 -11.25 -2.46 -13.85
N VAL A 6 -12.17 -2.07 -12.98
CA VAL A 6 -13.01 -3.03 -12.27
C VAL A 6 -14.47 -2.67 -12.55
N ARG A 7 -15.24 -3.66 -12.98
CA ARG A 7 -16.64 -3.43 -13.35
C ARG A 7 -17.59 -4.40 -12.64
N ASN A 8 -18.48 -3.82 -11.82
CA ASN A 8 -19.50 -4.59 -11.10
C ASN A 8 -18.98 -5.91 -10.54
N ALA A 9 -17.87 -5.82 -9.80
CA ALA A 9 -17.18 -7.03 -9.34
C ALA A 9 -17.51 -7.35 -7.90
N THR A 10 -17.76 -8.64 -7.66
CA THR A 10 -18.10 -9.15 -6.35
C THR A 10 -17.08 -10.24 -6.01
N PHE A 11 -16.54 -10.16 -4.81
CA PHE A 11 -15.47 -11.07 -4.38
C PHE A 11 -15.77 -11.66 -3.02
N THR A 12 -15.36 -12.90 -2.84
CA THR A 12 -15.60 -13.60 -1.59
C THR A 12 -14.36 -14.31 -1.05
N TRP A 13 -14.31 -14.41 0.27
CA TRP A 13 -13.35 -15.24 0.99
C TRP A 13 -13.90 -16.64 1.24
N ALA A 14 -15.22 -16.78 1.10
CA ALA A 14 -15.93 -18.03 1.43
C ALA A 14 -17.31 -18.04 0.78
N ARG A 15 -17.52 -19.00 -0.11
CA ARG A 15 -18.79 -19.17 -0.81
C ARG A 15 -19.96 -19.54 0.11
N SER A 16 -19.65 -20.05 1.31
CA SER A 16 -20.66 -20.39 2.32
C SER A 16 -21.36 -19.18 2.92
N ASP A 17 -20.75 -18.00 2.79
CA ASP A 17 -21.28 -16.76 3.37
C ASP A 17 -21.38 -15.66 2.33
N PRO A 18 -22.10 -14.56 2.67
CA PRO A 18 -22.17 -13.46 1.72
C PRO A 18 -20.78 -12.96 1.34
N PRO A 19 -20.63 -12.49 0.10
CA PRO A 19 -19.36 -11.92 -0.36
C PRO A 19 -18.93 -10.74 0.52
N THR A 20 -17.62 -10.56 0.62
CA THR A 20 -17.05 -9.47 1.39
C THR A 20 -17.09 -8.15 0.63
N LEU A 21 -16.93 -8.22 -0.68
CA LEU A 21 -16.95 -7.06 -1.57
C LEU A 21 -18.05 -7.25 -2.58
N ASN A 22 -18.89 -6.23 -2.75
CA ASN A 22 -20.08 -6.30 -3.60
C ASN A 22 -20.17 -5.17 -4.61
N GLY A 23 -20.33 -5.54 -5.89
CA GLY A 23 -20.62 -4.58 -6.96
C GLY A 23 -19.59 -3.46 -7.12
N ILE A 24 -18.32 -3.82 -6.97
CA ILE A 24 -17.22 -2.86 -7.04
C ILE A 24 -17.06 -2.38 -8.48
N THR A 25 -17.10 -1.06 -8.66
CA THR A 25 -16.85 -0.45 -9.97
C THR A 25 -15.98 0.79 -9.83
N PHE A 26 -14.81 0.74 -10.47
CA PHE A 26 -13.91 1.90 -10.54
C PHE A 26 -12.83 1.66 -11.59
N SER A 27 -12.24 2.75 -12.07
CA SER A 27 -11.09 2.69 -12.97
C SER A 27 -10.02 3.64 -12.45
N ILE A 28 -8.77 3.23 -12.60
CA ILE A 28 -7.64 4.03 -12.13
C ILE A 28 -6.77 4.37 -13.34
N PRO A 29 -6.60 5.68 -13.62
CA PRO A 29 -5.69 6.09 -14.69
C PRO A 29 -4.27 5.62 -14.40
N GLU A 30 -3.58 5.18 -15.45
CA GLU A 30 -2.16 4.84 -15.33
C GLU A 30 -1.41 6.00 -14.68
N GLY A 31 -0.65 5.71 -13.63
CA GLY A 31 0.18 6.70 -12.96
C GLY A 31 -0.51 7.52 -11.87
N ALA A 32 -1.78 7.24 -11.60
CA ALA A 32 -2.52 7.99 -10.58
C ALA A 32 -2.13 7.54 -9.18
N LEU A 33 -2.28 8.45 -8.21
CA LEU A 33 -2.15 8.15 -6.78
C LEU A 33 -3.56 8.20 -6.19
N VAL A 34 -4.07 7.06 -5.75
CA VAL A 34 -5.46 6.96 -5.31
C VAL A 34 -5.50 6.36 -3.91
N ALA A 35 -6.14 7.08 -2.99
CA ALA A 35 -6.30 6.58 -1.62
C ALA A 35 -7.60 5.80 -1.51
N VAL A 36 -7.62 4.85 -0.58
CA VAL A 36 -8.79 4.06 -0.25
C VAL A 36 -8.95 4.18 1.27
N VAL A 37 -10.11 4.66 1.70
CA VAL A 37 -10.34 4.93 3.12
C VAL A 37 -11.73 4.45 3.53
N GLY A 38 -11.92 4.28 4.83
CA GLY A 38 -13.24 3.92 5.36
C GLY A 38 -13.10 3.34 6.75
N GLN A 39 -14.23 3.24 7.45
CA GLN A 39 -14.24 2.68 8.79
C GLN A 39 -13.52 1.34 8.88
N VAL A 40 -12.87 1.10 10.01
CA VAL A 40 -12.27 -0.20 10.30
C VAL A 40 -13.23 -1.33 9.90
N GLY A 41 -12.73 -2.28 9.12
CA GLY A 41 -13.50 -3.46 8.76
C GLY A 41 -14.37 -3.30 7.52
N CYS A 42 -14.24 -2.18 6.81
CA CYS A 42 -15.09 -1.89 5.64
C CYS A 42 -14.67 -2.62 4.37
N GLY A 43 -13.51 -3.28 4.41
CA GLY A 43 -13.04 -4.09 3.27
C GLY A 43 -11.87 -3.55 2.48
N LYS A 44 -11.10 -2.61 3.06
CA LYS A 44 -9.96 -2.03 2.35
C LYS A 44 -8.87 -3.04 1.98
N SER A 45 -8.43 -3.84 2.95
CA SER A 45 -7.41 -4.83 2.69
C SER A 45 -7.91 -5.84 1.68
N SER A 46 -9.20 -6.20 1.80
CA SER A 46 -9.80 -7.16 0.88
C SER A 46 -9.79 -6.63 -0.54
N LEU A 47 -10.02 -5.32 -0.71
CA LEU A 47 -9.96 -4.74 -2.05
C LEU A 47 -8.58 -4.99 -2.65
N LEU A 48 -7.52 -4.76 -1.88
CA LEU A 48 -6.19 -5.04 -2.40
C LEU A 48 -6.01 -6.53 -2.71
N SER A 49 -6.47 -7.39 -1.82
CA SER A 49 -6.39 -8.84 -2.08
C SER A 49 -7.09 -9.22 -3.39
N ALA A 50 -8.25 -8.60 -3.64
CA ALA A 50 -9.03 -8.85 -4.86
C ALA A 50 -8.21 -8.48 -6.09
N LEU A 51 -7.56 -7.33 -6.03
CA LEU A 51 -6.70 -6.87 -7.13
C LEU A 51 -5.49 -7.78 -7.34
N LEU A 52 -5.05 -8.43 -6.26
CA LEU A 52 -3.95 -9.40 -6.34
C LEU A 52 -4.40 -10.79 -6.80
N ALA A 53 -5.69 -10.93 -7.09
CA ALA A 53 -6.29 -12.20 -7.53
C ALA A 53 -6.23 -13.26 -6.42
N GLU A 54 -6.34 -12.79 -5.17
CA GLU A 54 -6.19 -13.65 -4.01
C GLU A 54 -7.53 -13.99 -3.37
N MET A 55 -8.60 -13.41 -3.91
CA MET A 55 -9.97 -13.74 -3.52
C MET A 55 -10.64 -14.54 -4.62
N ASP A 56 -11.90 -14.87 -4.41
CA ASP A 56 -12.70 -15.61 -5.38
C ASP A 56 -13.68 -14.65 -6.00
N LYS A 57 -13.52 -14.36 -7.30
CA LYS A 57 -14.42 -13.44 -7.99
C LYS A 57 -15.72 -14.15 -8.33
N VAL A 58 -16.80 -13.71 -7.68
CA VAL A 58 -18.13 -14.30 -7.88
C VAL A 58 -18.66 -13.90 -9.25
N GLU A 59 -18.47 -12.63 -9.60
CA GLU A 59 -18.86 -12.09 -10.90
C GLU A 59 -18.20 -10.75 -11.13
N GLY A 60 -18.24 -10.30 -12.37
CA GLY A 60 -17.70 -9.00 -12.73
C GLY A 60 -16.43 -9.05 -13.55
N HIS A 61 -15.94 -7.87 -13.91
CA HIS A 61 -14.80 -7.70 -14.80
C HIS A 61 -13.65 -7.06 -14.05
N VAL A 62 -12.45 -7.63 -14.21
CA VAL A 62 -11.23 -7.03 -13.67
C VAL A 62 -10.14 -7.05 -14.75
N ALA A 63 -9.60 -5.89 -15.06
CA ALA A 63 -8.48 -5.77 -15.98
C ALA A 63 -7.37 -4.99 -15.34
N ILE A 64 -6.21 -5.62 -15.20
CA ILE A 64 -5.03 -4.97 -14.61
C ILE A 64 -3.89 -5.00 -15.61
N LYS A 65 -3.37 -3.81 -15.93
CA LYS A 65 -2.29 -3.65 -16.90
C LYS A 65 -0.96 -3.51 -16.18
N GLY A 66 -0.11 -4.54 -16.29
CA GLY A 66 1.24 -4.47 -15.75
C GLY A 66 1.44 -5.21 -14.45
N SER A 67 2.69 -5.17 -13.97
CA SER A 67 3.10 -5.88 -12.76
C SER A 67 2.63 -5.16 -11.51
N VAL A 68 2.40 -5.93 -10.45
CA VAL A 68 1.86 -5.39 -9.20
C VAL A 68 2.73 -5.76 -8.00
N ALA A 69 3.09 -4.75 -7.21
CA ALA A 69 3.82 -4.93 -5.96
C ALA A 69 2.90 -4.57 -4.80
N TYR A 70 3.23 -5.08 -3.61
CA TYR A 70 2.30 -5.05 -2.49
C TYR A 70 3.07 -4.76 -1.23
N VAL A 71 2.54 -3.84 -0.43
CA VAL A 71 3.06 -3.61 0.91
C VAL A 71 1.91 -3.94 1.86
N PRO A 72 1.96 -5.12 2.50
CA PRO A 72 0.80 -5.57 3.26
C PRO A 72 0.63 -4.84 4.59
N GLN A 73 -0.54 -5.01 5.20
CA GLN A 73 -0.87 -4.22 6.38
C GLN A 73 0.05 -4.51 7.57
N GLN A 74 0.48 -5.76 7.70
CA GLN A 74 1.41 -6.13 8.78
C GLN A 74 2.68 -6.67 8.13
N ALA A 75 3.77 -5.94 8.27
CA ALA A 75 5.03 -6.32 7.67
C ALA A 75 5.52 -7.67 8.20
N TRP A 76 6.13 -8.44 7.31
CA TRP A 76 6.71 -9.72 7.69
C TRP A 76 8.10 -9.86 7.10
N ILE A 77 8.87 -10.74 7.72
CA ILE A 77 10.29 -10.92 7.43
C ILE A 77 10.58 -12.38 7.11
N GLN A 78 11.37 -12.59 6.06
CA GLN A 78 11.88 -13.91 5.68
C GLN A 78 13.14 -14.18 6.50
N ASN A 79 13.39 -15.44 6.83
CA ASN A 79 14.63 -15.82 7.50
C ASN A 79 15.76 -15.78 6.51
N ASP A 80 16.44 -14.65 6.48
CA ASP A 80 17.51 -14.41 5.54
C ASP A 80 18.14 -13.08 5.94
N SER A 81 19.13 -12.64 5.17
CA SER A 81 19.73 -11.34 5.41
C SER A 81 18.72 -10.24 5.14
N LEU A 82 18.96 -9.06 5.69
CA LEU A 82 18.12 -7.93 5.38
C LEU A 82 18.17 -7.66 3.87
N ARG A 83 19.38 -7.72 3.29
CA ARG A 83 19.55 -7.56 1.85
C ARG A 83 18.64 -8.49 1.05
N GLU A 84 18.63 -9.79 1.38
CA GLU A 84 17.79 -10.73 0.63
C GLU A 84 16.30 -10.53 0.88
N ASN A 85 15.96 -9.96 2.04
CA ASN A 85 14.57 -9.57 2.29
C ASN A 85 14.11 -8.45 1.37
N ILE A 86 15.06 -7.63 0.91
CA ILE A 86 14.76 -6.58 -0.07
C ILE A 86 14.80 -7.14 -1.50
N LEU A 87 15.89 -7.82 -1.85
CA LEU A 87 16.04 -8.33 -3.22
C LEU A 87 14.98 -9.34 -3.59
N PHE A 88 14.70 -10.25 -2.65
CA PHE A 88 13.62 -11.23 -2.78
C PHE A 88 13.58 -11.89 -4.16
N GLY A 89 14.73 -12.46 -4.54
CA GLY A 89 14.86 -13.16 -5.83
C GLY A 89 15.55 -12.34 -6.92
N CYS A 90 15.60 -11.03 -6.75
CA CYS A 90 16.26 -10.16 -7.73
C CYS A 90 17.77 -10.08 -7.50
N GLN A 91 18.50 -9.68 -8.53
CA GLN A 91 19.91 -9.37 -8.38
C GLN A 91 20.07 -7.94 -7.87
N LEU A 92 21.11 -7.72 -7.06
CA LEU A 92 21.39 -6.39 -6.55
C LEU A 92 22.03 -5.53 -7.64
N GLU A 93 21.42 -4.37 -7.89
CA GLU A 93 21.91 -3.43 -8.89
C GLU A 93 22.09 -2.05 -8.27
N GLU A 94 23.24 -1.44 -8.52
CA GLU A 94 23.50 -0.08 -8.08
C GLU A 94 23.51 0.89 -9.27
N PRO A 95 23.09 2.16 -9.05
CA PRO A 95 22.71 2.74 -7.77
C PRO A 95 21.23 2.58 -7.38
N TYR A 96 20.47 1.74 -8.07
CA TYR A 96 19.05 1.57 -7.72
C TYR A 96 18.89 1.11 -6.26
N TYR A 97 19.66 0.10 -5.87
CA TYR A 97 19.57 -0.43 -4.50
C TYR A 97 19.82 0.67 -3.47
N ARG A 98 20.91 1.43 -3.67
CA ARG A 98 21.22 2.58 -2.82
C ARG A 98 20.04 3.55 -2.72
N SER A 99 19.37 3.80 -3.85
CA SER A 99 18.27 4.74 -3.88
C SER A 99 17.08 4.21 -3.06
N VAL A 100 16.88 2.89 -3.11
CA VAL A 100 15.77 2.28 -2.36
C VAL A 100 16.05 2.33 -0.86
N ILE A 101 17.28 2.00 -0.47
CA ILE A 101 17.70 2.09 0.93
C ILE A 101 17.47 3.50 1.48
N GLN A 102 17.88 4.51 0.71
CA GLN A 102 17.75 5.89 1.15
C GLN A 102 16.28 6.28 1.25
N ALA A 103 15.50 5.94 0.21
CA ALA A 103 14.11 6.38 0.13
C ALA A 103 13.24 5.77 1.22
N CYS A 104 13.56 4.54 1.60
CA CYS A 104 12.79 3.82 2.60
C CYS A 104 13.31 4.05 4.03
N ALA A 105 14.20 5.04 4.19
CA ALA A 105 14.65 5.46 5.52
C ALA A 105 15.40 4.35 6.27
N LEU A 106 16.10 3.51 5.50
CA LEU A 106 16.81 2.38 6.10
C LEU A 106 18.22 2.69 6.63
N LEU A 107 18.81 3.83 6.26
CA LEU A 107 20.18 4.09 6.67
C LEU A 107 20.36 4.07 8.20
N PRO A 108 19.48 4.75 8.96
CA PRO A 108 19.62 4.68 10.42
C PRO A 108 19.55 3.26 10.97
N ASP A 109 18.79 2.39 10.32
CA ASP A 109 18.70 1.00 10.75
C ASP A 109 19.99 0.26 10.45
N LEU A 110 20.46 0.39 9.20
CA LEU A 110 21.65 -0.36 8.80
C LEU A 110 22.83 0.03 9.68
N GLU A 111 22.90 1.31 10.05
CA GLU A 111 24.02 1.84 10.81
C GLU A 111 24.23 1.15 12.17
N ILE A 112 23.16 0.59 12.72
CA ILE A 112 23.28 -0.11 14.01
C ILE A 112 23.22 -1.64 13.91
N LEU A 113 23.24 -2.16 12.68
CA LEU A 113 23.23 -3.61 12.47
C LEU A 113 24.65 -4.14 12.35
N PRO A 114 24.92 -5.32 12.93
CA PRO A 114 26.29 -5.84 13.01
C PRO A 114 26.95 -6.10 11.67
N SER A 115 26.16 -6.43 10.63
CA SER A 115 26.72 -6.63 9.30
C SER A 115 26.00 -5.79 8.24
N GLY A 116 25.42 -4.68 8.66
CA GLY A 116 24.67 -3.82 7.74
C GLY A 116 23.59 -4.66 7.09
N ASP A 117 23.42 -4.52 5.77
CA ASP A 117 22.37 -5.27 5.10
C ASP A 117 22.61 -6.79 5.04
N ARG A 118 23.83 -7.23 5.35
CA ARG A 118 24.09 -8.67 5.34
C ARG A 118 23.67 -9.32 6.67
N THR A 119 23.20 -8.51 7.60
CA THR A 119 22.73 -9.01 8.89
C THR A 119 21.55 -9.95 8.69
N GLU A 120 21.66 -11.12 9.32
CA GLU A 120 20.57 -12.09 9.35
C GLU A 120 19.46 -11.56 10.24
N ILE A 121 18.27 -11.49 9.67
CA ILE A 121 17.08 -11.04 10.38
C ILE A 121 16.05 -12.19 10.34
N GLY A 122 14.94 -12.02 11.05
CA GLY A 122 13.97 -13.10 11.18
C GLY A 122 14.35 -14.05 12.30
N GLU A 123 13.85 -15.28 12.23
CA GLU A 123 14.08 -16.25 13.29
C GLU A 123 15.57 -16.45 13.58
N LYS A 124 15.90 -16.40 14.86
CA LYS A 124 17.25 -16.68 15.35
C LYS A 124 18.29 -15.64 14.94
N GLY A 125 17.84 -14.53 14.34
CA GLY A 125 18.71 -13.41 13.98
C GLY A 125 18.38 -12.16 14.75
N VAL A 126 18.75 -11.00 14.20
CA VAL A 126 18.46 -9.74 14.84
C VAL A 126 16.95 -9.49 14.88
N ASN A 127 16.48 -9.03 16.04
CA ASN A 127 15.07 -8.78 16.30
C ASN A 127 14.70 -7.36 15.91
N LEU A 128 14.11 -7.19 14.73
CA LEU A 128 13.72 -5.86 14.23
C LEU A 128 12.45 -5.34 14.91
N SER A 129 12.37 -4.02 15.09
CA SER A 129 11.17 -3.38 15.62
C SER A 129 10.09 -3.33 14.55
N GLY A 130 8.87 -2.99 14.96
CA GLY A 130 7.76 -2.87 14.02
C GLY A 130 8.07 -1.87 12.91
N GLY A 131 8.67 -0.74 13.28
CA GLY A 131 9.04 0.28 12.30
C GLY A 131 10.10 -0.23 11.34
N GLN A 132 11.09 -0.93 11.87
CA GLN A 132 12.17 -1.48 11.02
C GLN A 132 11.62 -2.51 10.03
N LYS A 133 10.75 -3.39 10.50
CA LYS A 133 10.14 -4.39 9.61
C LYS A 133 9.35 -3.71 8.49
N GLN A 134 8.65 -2.63 8.84
CA GLN A 134 7.85 -1.92 7.86
C GLN A 134 8.74 -1.29 6.78
N ARG A 135 9.89 -0.74 7.20
CA ARG A 135 10.80 -0.15 6.21
C ARG A 135 11.40 -1.20 5.27
N VAL A 136 11.67 -2.39 5.81
CA VAL A 136 12.14 -3.51 4.99
C VAL A 136 11.05 -3.95 4.02
N SER A 137 9.82 -4.02 4.51
CA SER A 137 8.68 -4.41 3.66
C SER A 137 8.45 -3.41 2.53
N LEU A 138 8.55 -2.12 2.85
CA LEU A 138 8.47 -1.08 1.82
C LEU A 138 9.59 -1.28 0.79
N ALA A 139 10.82 -1.51 1.27
CA ALA A 139 11.95 -1.64 0.35
C ALA A 139 11.82 -2.85 -0.56
N ARG A 140 11.30 -3.95 -0.02
CA ARG A 140 11.04 -5.15 -0.82
C ARG A 140 10.14 -4.82 -2.01
N ALA A 141 9.05 -4.09 -1.76
CA ALA A 141 8.14 -3.72 -2.86
C ALA A 141 8.79 -2.71 -3.81
N VAL A 142 9.41 -1.67 -3.25
CA VAL A 142 10.02 -0.64 -4.11
C VAL A 142 11.11 -1.24 -4.99
N TYR A 143 11.92 -2.14 -4.42
CA TYR A 143 13.02 -2.72 -5.19
C TYR A 143 12.53 -3.49 -6.42
N SER A 144 11.35 -4.10 -6.32
CA SER A 144 10.82 -4.91 -7.42
C SER A 144 10.43 -4.09 -8.64
N ASN A 145 10.30 -2.77 -8.45
CA ASN A 145 10.05 -1.83 -9.55
C ASN A 145 8.86 -2.26 -10.41
N ALA A 146 7.73 -2.49 -9.76
CA ALA A 146 6.51 -2.88 -10.45
C ALA A 146 5.85 -1.67 -11.10
N ASP A 147 4.84 -1.94 -11.95
CA ASP A 147 4.08 -0.88 -12.60
C ASP A 147 3.02 -0.29 -11.68
N ILE A 148 2.49 -1.14 -10.79
CA ILE A 148 1.40 -0.79 -9.89
C ILE A 148 1.81 -1.15 -8.47
N TYR A 149 1.55 -0.23 -7.53
CA TYR A 149 1.84 -0.45 -6.11
C TYR A 149 0.57 -0.43 -5.29
N LEU A 150 0.38 -1.47 -4.48
CA LEU A 150 -0.75 -1.54 -3.56
C LEU A 150 -0.19 -1.42 -2.16
N PHE A 151 -0.44 -0.27 -1.51
CA PHE A 151 0.07 0.00 -0.17
C PHE A 151 -1.04 -0.15 0.85
N ASP A 152 -0.91 -1.10 1.77
CA ASP A 152 -1.95 -1.29 2.77
C ASP A 152 -1.56 -0.58 4.08
N ASP A 153 -1.92 0.71 4.17
CA ASP A 153 -1.71 1.49 5.38
C ASP A 153 -0.21 1.54 5.71
N PRO A 154 0.59 2.04 4.74
CA PRO A 154 2.04 1.83 4.79
C PRO A 154 2.81 2.68 5.81
N LEU A 155 2.16 3.69 6.37
CA LEU A 155 2.86 4.55 7.33
C LEU A 155 2.44 4.28 8.77
N SER A 156 1.53 3.33 8.97
CA SER A 156 0.96 3.09 10.30
C SER A 156 2.02 2.68 11.34
N ALA A 157 2.99 1.88 10.92
CA ALA A 157 3.96 1.30 11.85
C ALA A 157 5.23 2.13 12.05
N VAL A 158 5.32 3.27 11.36
CA VAL A 158 6.49 4.14 11.48
C VAL A 158 6.09 5.45 12.13
N ASP A 159 7.06 6.15 12.72
CA ASP A 159 6.74 7.42 13.36
C ASP A 159 6.41 8.50 12.33
N ALA A 160 5.95 9.66 12.80
CA ALA A 160 5.49 10.72 11.89
C ALA A 160 6.61 11.26 10.98
N HIS A 161 7.80 11.42 11.53
CA HIS A 161 8.95 11.94 10.78
C HIS A 161 9.38 10.97 9.68
N VAL A 162 9.53 9.70 10.04
CA VAL A 162 9.86 8.65 9.08
C VAL A 162 8.74 8.55 8.04
N GLY A 163 7.48 8.64 8.50
CA GLY A 163 6.33 8.58 7.59
C GLY A 163 6.38 9.68 6.54
N LYS A 164 6.75 10.88 6.96
CA LYS A 164 6.86 12.01 6.05
C LYS A 164 7.95 11.74 5.01
N HIS A 165 9.08 11.19 5.46
CA HIS A 165 10.18 10.84 4.56
C HIS A 165 9.70 9.84 3.51
N ILE A 166 8.97 8.82 3.95
CA ILE A 166 8.52 7.77 3.05
C ILE A 166 7.47 8.32 2.07
N PHE A 167 6.56 9.15 2.56
CA PHE A 167 5.60 9.75 1.64
C PHE A 167 6.32 10.58 0.57
N GLU A 168 7.26 11.40 0.99
CA GLU A 168 7.95 12.28 0.06
C GLU A 168 8.83 11.53 -0.93
N ASN A 169 9.49 10.47 -0.45
CA ASN A 169 10.48 9.77 -1.26
C ASN A 169 10.00 8.53 -2.00
N VAL A 170 8.89 7.95 -1.52
CA VAL A 170 8.39 6.69 -2.07
C VAL A 170 6.99 6.83 -2.67
N ILE A 171 6.07 7.44 -1.92
CA ILE A 171 4.64 7.35 -2.27
C ILE A 171 4.13 8.52 -3.13
N GLY A 172 4.59 9.72 -2.82
CA GLY A 172 4.00 10.95 -3.37
C GLY A 172 4.51 11.40 -4.73
N PRO A 173 4.01 12.56 -5.20
CA PRO A 173 4.30 13.09 -6.54
C PRO A 173 5.77 13.45 -6.82
N LYS A 174 6.57 13.60 -5.76
CA LYS A 174 8.00 13.85 -5.92
C LYS A 174 8.84 12.64 -5.56
N GLY A 175 8.17 11.53 -5.23
CA GLY A 175 8.86 10.29 -4.86
C GLY A 175 9.37 9.52 -6.06
N MET A 176 10.12 8.46 -5.79
CA MET A 176 10.72 7.67 -6.86
C MET A 176 9.70 6.81 -7.62
N LEU A 177 8.47 6.71 -7.10
CA LEU A 177 7.41 5.96 -7.79
C LEU A 177 6.37 6.90 -8.40
N LYS A 178 6.76 8.16 -8.63
CA LYS A 178 5.82 9.19 -9.09
C LYS A 178 5.13 8.86 -10.43
N ASN A 179 5.74 7.97 -11.21
CA ASN A 179 5.19 7.57 -12.51
C ASN A 179 4.37 6.29 -12.46
N LYS A 180 4.34 5.66 -11.29
CA LYS A 180 3.62 4.40 -11.13
C LYS A 180 2.18 4.66 -10.74
N THR A 181 1.34 3.66 -10.94
CA THR A 181 0.01 3.67 -10.36
C THR A 181 0.20 3.25 -8.90
N ARG A 182 -0.37 4.02 -7.98
CA ARG A 182 -0.21 3.76 -6.56
C ARG A 182 -1.56 3.81 -5.90
N ILE A 183 -1.94 2.70 -5.25
CA ILE A 183 -3.18 2.64 -4.48
C ILE A 183 -2.78 2.68 -3.01
N LEU A 184 -3.30 3.67 -2.29
CA LEU A 184 -2.89 3.93 -0.93
C LEU A 184 -4.06 3.74 0.04
N VAL A 185 -4.17 2.55 0.62
CA VAL A 185 -5.08 2.37 1.76
C VAL A 185 -4.46 3.09 2.95
N THR A 186 -5.23 3.91 3.65
CA THR A 186 -4.72 4.53 4.87
C THR A 186 -5.83 4.84 5.86
N HIS A 187 -5.49 4.76 7.15
CA HIS A 187 -6.42 5.16 8.20
C HIS A 187 -6.25 6.61 8.62
N SER A 188 -5.25 7.28 8.03
CA SER A 188 -4.84 8.63 8.41
C SER A 188 -5.29 9.66 7.38
N MET A 189 -5.67 10.85 7.86
CA MET A 189 -6.03 11.94 6.96
C MET A 189 -4.83 12.76 6.49
N SER A 190 -3.65 12.50 7.08
CA SER A 190 -2.48 13.39 6.93
C SER A 190 -2.11 13.76 5.49
N TYR A 191 -2.16 12.78 4.58
CA TYR A 191 -1.71 12.98 3.20
C TYR A 191 -2.83 12.94 2.16
N LEU A 192 -4.08 12.86 2.63
CA LEU A 192 -5.21 12.76 1.72
C LEU A 192 -5.37 13.95 0.78
N PRO A 193 -5.08 15.19 1.23
CA PRO A 193 -5.14 16.31 0.27
C PRO A 193 -4.16 16.18 -0.91
N GLN A 194 -3.16 15.33 -0.76
CA GLN A 194 -2.11 15.24 -1.78
C GLN A 194 -2.29 14.09 -2.77
N VAL A 195 -3.34 13.29 -2.60
CA VAL A 195 -3.61 12.22 -3.57
C VAL A 195 -4.49 12.75 -4.71
N ASP A 196 -4.58 12.00 -5.79
CA ASP A 196 -5.36 12.44 -6.94
C ASP A 196 -6.85 12.21 -6.74
N VAL A 197 -7.17 11.02 -6.22
CA VAL A 197 -8.55 10.59 -6.05
C VAL A 197 -8.62 9.79 -4.74
N ILE A 198 -9.75 9.90 -4.05
CA ILE A 198 -10.04 9.12 -2.84
C ILE A 198 -11.26 8.25 -3.11
N ILE A 199 -11.15 6.97 -2.75
CA ILE A 199 -12.25 6.01 -2.81
C ILE A 199 -12.66 5.73 -1.36
N VAL A 200 -13.92 6.03 -1.03
CA VAL A 200 -14.43 5.79 0.31
C VAL A 200 -15.27 4.52 0.30
N MET A 201 -14.94 3.60 1.21
CA MET A 201 -15.69 2.35 1.32
C MET A 201 -16.53 2.27 2.59
N SER A 202 -17.58 1.48 2.52
CA SER A 202 -18.36 1.12 3.69
C SER A 202 -19.07 -0.20 3.40
N GLY A 203 -18.97 -1.14 4.33
CA GLY A 203 -19.67 -2.41 4.20
C GLY A 203 -19.35 -3.16 2.92
N GLY A 204 -18.09 -3.11 2.50
CA GLY A 204 -17.66 -3.90 1.35
C GLY A 204 -18.10 -3.33 0.02
N LYS A 205 -18.57 -2.09 0.05
CA LYS A 205 -18.98 -1.36 -1.15
C LYS A 205 -18.30 0.00 -1.20
N ILE A 206 -18.30 0.59 -2.40
CA ILE A 206 -17.77 1.94 -2.56
C ILE A 206 -18.92 2.93 -2.36
N SER A 207 -18.73 3.87 -1.43
CA SER A 207 -19.72 4.90 -1.11
C SER A 207 -19.63 6.10 -2.05
N GLU A 208 -18.40 6.55 -2.29
CA GLU A 208 -18.18 7.71 -3.15
C GLU A 208 -16.70 7.80 -3.55
N MET A 209 -16.42 8.55 -4.62
CA MET A 209 -15.07 8.72 -5.13
C MET A 209 -14.91 10.13 -5.65
N GLY A 210 -13.74 10.72 -5.42
CA GLY A 210 -13.45 12.06 -5.93
C GLY A 210 -12.21 12.62 -5.26
N SER A 211 -11.85 13.86 -5.60
CA SER A 211 -10.70 14.49 -4.96
C SER A 211 -11.01 14.79 -3.51
N TYR A 212 -9.96 15.05 -2.72
CA TYR A 212 -10.14 15.50 -1.35
C TYR A 212 -11.08 16.70 -1.27
N GLN A 213 -10.83 17.72 -2.11
CA GLN A 213 -11.66 18.92 -2.05
C GLN A 213 -13.10 18.69 -2.48
N GLU A 214 -13.28 17.83 -3.49
CA GLU A 214 -14.63 17.51 -3.97
C GLU A 214 -15.40 16.78 -2.87
N LEU A 215 -14.79 15.73 -2.32
CA LEU A 215 -15.49 14.91 -1.35
C LEU A 215 -15.75 15.65 -0.05
N LEU A 216 -14.79 16.49 0.35
CA LEU A 216 -14.97 17.27 1.57
C LEU A 216 -16.20 18.16 1.44
N ALA A 217 -16.34 18.81 0.29
CA ALA A 217 -17.46 19.75 0.10
C ALA A 217 -18.82 19.05 0.09
N ARG A 218 -18.84 17.80 -0.37
CA ARG A 218 -20.08 16.99 -0.43
C ARG A 218 -20.68 16.71 0.95
N ASP A 219 -19.84 16.77 1.98
CA ASP A 219 -20.26 16.49 3.35
C ASP A 219 -21.06 15.19 3.44
N GLY A 220 -20.47 14.13 2.87
CA GLY A 220 -21.07 12.80 2.88
C GLY A 220 -20.17 11.81 3.59
N ALA A 221 -19.91 10.67 2.95
CA ALA A 221 -19.17 9.57 3.57
C ALA A 221 -17.72 9.94 3.91
N PHE A 222 -17.07 10.70 3.02
CA PHE A 222 -15.69 11.12 3.29
C PHE A 222 -15.64 12.07 4.49
N ALA A 223 -16.56 13.03 4.51
CA ALA A 223 -16.62 13.97 5.63
C ALA A 223 -16.84 13.21 6.95
N GLU A 224 -17.68 12.19 6.92
CA GLU A 224 -17.93 11.37 8.12
C GLU A 224 -16.67 10.58 8.51
N PHE A 225 -15.99 10.02 7.52
CA PHE A 225 -14.70 9.36 7.79
C PHE A 225 -13.75 10.31 8.54
N LEU A 226 -13.60 11.54 8.04
CA LEU A 226 -12.70 12.50 8.69
C LEU A 226 -13.14 12.83 10.12
N ARG A 227 -14.44 13.00 10.32
CA ARG A 227 -14.98 13.40 11.62
C ARG A 227 -14.92 12.29 12.68
N THR A 228 -15.07 11.04 12.23
CA THR A 228 -15.36 9.95 13.16
C THR A 228 -14.38 8.79 13.12
N TYR A 229 -13.85 8.48 11.93
CA TYR A 229 -13.07 7.23 11.75
C TYR A 229 -11.57 7.45 11.61
N ALA A 230 -11.18 8.53 10.94
CA ALA A 230 -9.75 8.80 10.73
C ALA A 230 -9.05 8.87 12.09
N SER A 231 -7.85 8.30 12.15
CA SER A 231 -7.12 8.27 13.42
C SER A 231 -5.62 8.49 13.19
N HIS A 232 -5.18 8.72 12.06
MG MG B . -7.01 -3.67 6.57
PG ATP C . -8.96 -2.53 8.85
O1G ATP C . -7.63 -2.75 8.19
O2G ATP C . -9.05 -3.14 10.23
O3G ATP C . -9.51 -1.12 8.77
PB ATP C . -10.23 -3.47 6.43
O1B ATP C . -11.08 -2.32 5.96
O2B ATP C . -8.92 -3.67 5.73
O3B ATP C . -10.05 -3.43 8.03
PA ATP C . -10.80 -6.26 5.79
O1A ATP C . -9.60 -6.77 6.53
O2A ATP C . -10.82 -6.29 4.30
O3A ATP C . -11.17 -4.77 6.28
O5' ATP C . -12.07 -7.05 6.42
C5' ATP C . -13.29 -7.32 5.74
C4' ATP C . -13.56 -8.83 5.82
O4' ATP C . -12.53 -9.49 5.06
C3' ATP C . -13.43 -9.38 7.24
O3' ATP C . -14.41 -10.39 7.45
C2' ATP C . -12.05 -10.01 7.27
O2' ATP C . -11.92 -11.05 8.23
C1' ATP C . -11.93 -10.53 5.85
N9 ATP C . -10.52 -10.75 5.45
C8 ATP C . -9.59 -9.80 5.26
N7 ATP C . -8.40 -10.34 4.90
C5 ATP C . -8.55 -11.67 4.85
C6 ATP C . -7.69 -12.84 4.53
N6 ATP C . -6.39 -12.66 4.19
N1 ATP C . -8.25 -14.08 4.59
C2 ATP C . -9.55 -14.26 4.93
N3 ATP C . -10.39 -13.24 5.23
C4 ATP C . -9.95 -11.95 5.22
#